data_7UDJ
#
_entry.id   7UDJ
#
_cell.length_a   45.400
_cell.length_b   67.600
_cell.length_c   71.300
_cell.angle_alpha   90.000
_cell.angle_beta   90.000
_cell.angle_gamma   90.000
#
_symmetry.space_group_name_H-M   'P 21 21 21'
#
loop_
_entity.id
_entity.type
_entity.pdbx_description
1 polymer '4xPAW peptide'
2 polymer 'De novo designed helical repeat protein RPB_PEW3_R4'
#
loop_
_entity_poly.entity_id
_entity_poly.type
_entity_poly.pdbx_seq_one_letter_code
_entity_poly.pdbx_strand_id
1 'polypeptide(L)' AWPAWPAWPAWP G
2 'polypeptide(L)'
;KKEAEEVAAHVEQIAFIAKEQGNEEVAKLAKRLAETIKRLNEGTEEEVKRLLEAAEVAAHVLQIAFIAHEQGNEEVAKLA
LELAESILRLIEGTEEEVKRLLEAAEVAAHVLQIAFIAHEQGNEEVAKLALELAESILRLIEGTEEEVKELLERAEEAAH
VLQHAFIATEQGNEEDAKEALRKAEEILRRNA
;
H
#
# COMPACT_ATOMS: atom_id res chain seq x y z
N ALA A 1 -11.28 16.18 7.30
CA ALA A 1 -10.55 15.24 8.16
C ALA A 1 -9.06 15.27 7.87
N TRP A 2 -8.45 14.10 7.76
CA TRP A 2 -7.04 14.01 7.43
C TRP A 2 -6.77 14.62 6.06
N PRO A 3 -5.56 15.12 5.82
CA PRO A 3 -5.20 15.55 4.47
C PRO A 3 -5.27 14.38 3.50
N ALA A 4 -5.81 14.65 2.32
CA ALA A 4 -6.06 13.59 1.34
C ALA A 4 -4.75 12.92 0.92
N TRP A 5 -4.82 11.62 0.68
CA TRP A 5 -3.66 10.87 0.22
C TRP A 5 -3.33 11.25 -1.22
N PRO A 6 -2.08 11.04 -1.63
CA PRO A 6 -1.76 11.19 -3.05
C PRO A 6 -2.58 10.22 -3.89
N ALA A 7 -2.99 10.69 -5.06
CA ALA A 7 -3.85 9.89 -5.93
C ALA A 7 -3.13 8.62 -6.37
N TRP A 8 -3.92 7.60 -6.69
CA TRP A 8 -3.36 6.35 -7.18
C TRP A 8 -2.76 6.56 -8.56
N PRO A 9 -1.71 5.81 -8.91
CA PRO A 9 -1.08 5.96 -10.22
C PRO A 9 -2.05 5.64 -11.35
N ALA A 10 -1.66 6.07 -12.56
CA ALA A 10 -2.50 5.87 -13.72
C ALA A 10 -2.62 4.38 -14.06
N TRP A 11 -3.84 3.96 -14.38
CA TRP A 11 -4.09 2.57 -14.73
C TRP A 11 -3.33 2.21 -16.01
N PRO A 12 -2.47 1.18 -15.99
CA PRO A 12 -1.69 0.74 -17.15
C PRO A 12 -2.57 0.34 -18.34
N LYS B 1 -22.31 -6.02 -8.70
CA LYS B 1 -21.42 -7.06 -9.19
C LYS B 1 -20.68 -6.60 -10.45
N LYS B 2 -21.01 -5.41 -10.93
CA LYS B 2 -20.37 -4.88 -12.12
C LYS B 2 -19.03 -4.21 -11.82
N GLU B 3 -18.81 -3.81 -10.56
CA GLU B 3 -17.51 -3.25 -10.18
C GLU B 3 -16.41 -4.31 -10.28
N ALA B 4 -16.74 -5.56 -9.96
CA ALA B 4 -15.77 -6.64 -10.04
C ALA B 4 -15.24 -6.80 -11.46
N GLU B 5 -16.10 -6.62 -12.45
CA GLU B 5 -15.67 -6.76 -13.84
C GLU B 5 -14.66 -5.68 -14.20
N GLU B 6 -14.91 -4.43 -13.79
CA GLU B 6 -13.97 -3.35 -14.05
C GLU B 6 -12.65 -3.59 -13.36
N VAL B 7 -12.69 -4.03 -12.08
CA VAL B 7 -11.45 -4.29 -11.35
C VAL B 7 -10.66 -5.41 -12.00
N ALA B 8 -11.35 -6.46 -12.45
CA ALA B 8 -10.67 -7.57 -13.10
C ALA B 8 -10.06 -7.16 -14.43
N ALA B 9 -10.77 -6.32 -15.20
CA ALA B 9 -10.23 -5.83 -16.46
C ALA B 9 -8.98 -4.99 -16.22
N HIS B 10 -9.01 -4.14 -15.20
CA HIS B 10 -7.82 -3.35 -14.88
C HIS B 10 -6.66 -4.24 -14.44
N VAL B 11 -6.95 -5.28 -13.65
CA VAL B 11 -5.89 -6.18 -13.19
C VAL B 11 -5.29 -6.93 -14.36
N GLU B 12 -6.12 -7.35 -15.31
CA GLU B 12 -5.61 -8.05 -16.48
C GLU B 12 -4.81 -7.13 -17.38
N GLN B 13 -5.20 -5.85 -17.49
CA GLN B 13 -4.38 -4.89 -18.23
C GLN B 13 -3.02 -4.71 -17.55
N ILE B 14 -3.02 -4.66 -16.22
CA ILE B 14 -1.75 -4.58 -15.48
C ILE B 14 -0.90 -5.81 -15.76
N ALA B 15 -1.51 -6.99 -15.79
CA ALA B 15 -0.76 -8.21 -16.08
C ALA B 15 -0.18 -8.18 -17.49
N PHE B 16 -0.96 -7.67 -18.46
CA PHE B 16 -0.46 -7.54 -19.83
C PHE B 16 0.75 -6.61 -19.88
N ILE B 17 0.65 -5.45 -19.22
CA ILE B 17 1.75 -4.49 -19.25
C ILE B 17 2.99 -5.08 -18.57
N ALA B 18 2.78 -5.81 -17.47
CA ALA B 18 3.91 -6.44 -16.78
C ALA B 18 4.57 -7.50 -17.64
N LYS B 19 3.77 -8.29 -18.36
CA LYS B 19 4.34 -9.28 -19.29
C LYS B 19 5.11 -8.59 -20.41
N GLU B 20 4.62 -7.43 -20.86
CA GLU B 20 5.34 -6.70 -21.90
C GLU B 20 6.66 -6.16 -21.39
N GLN B 21 6.70 -5.63 -20.17
CA GLN B 21 7.92 -5.06 -19.62
C GLN B 21 8.90 -6.11 -19.12
N GLY B 22 8.43 -7.33 -18.84
CA GLY B 22 9.28 -8.38 -18.34
C GLY B 22 9.28 -8.56 -16.84
N ASN B 23 8.35 -7.94 -16.12
CA ASN B 23 8.24 -8.08 -14.67
C ASN B 23 7.41 -9.32 -14.39
N GLU B 24 8.10 -10.44 -14.17
CA GLU B 24 7.40 -11.72 -13.99
C GLU B 24 6.71 -11.80 -12.63
N GLU B 25 7.29 -11.19 -11.60
CA GLU B 25 6.67 -11.24 -10.28
C GLU B 25 5.33 -10.53 -10.28
N VAL B 26 5.28 -9.31 -10.85
CA VAL B 26 4.02 -8.58 -10.93
C VAL B 26 3.02 -9.32 -11.81
N ALA B 27 3.50 -9.99 -12.85
CA ALA B 27 2.60 -10.76 -13.72
C ALA B 27 1.97 -11.92 -12.95
N LYS B 28 2.78 -12.67 -12.21
CA LYS B 28 2.24 -13.77 -11.41
C LYS B 28 1.27 -13.28 -10.36
N LEU B 29 1.60 -12.17 -9.69
CA LEU B 29 0.70 -11.65 -8.66
C LEU B 29 -0.59 -11.13 -9.25
N ALA B 30 -0.53 -10.51 -10.43
CA ALA B 30 -1.74 -10.04 -11.09
C ALA B 30 -2.60 -11.22 -11.55
N LYS B 31 -1.98 -12.30 -11.99
CA LYS B 31 -2.75 -13.50 -12.34
C LYS B 31 -3.43 -14.08 -11.12
N ARG B 32 -2.71 -14.18 -10.00
CA ARG B 32 -3.31 -14.65 -8.76
C ARG B 32 -4.48 -13.75 -8.33
N LEU B 33 -4.30 -12.43 -8.47
CA LEU B 33 -5.36 -11.51 -8.09
C LEU B 33 -6.58 -11.64 -8.99
N ALA B 34 -6.36 -11.84 -10.29
CA ALA B 34 -7.47 -12.06 -11.20
C ALA B 34 -8.22 -13.34 -10.85
N GLU B 35 -7.49 -14.41 -10.54
CA GLU B 35 -8.14 -15.65 -10.13
C GLU B 35 -8.93 -15.46 -8.83
N THR B 36 -8.38 -14.69 -7.90
CA THR B 36 -9.07 -14.42 -6.64
C THR B 36 -10.35 -13.63 -6.88
N ILE B 37 -10.30 -12.63 -7.77
CA ILE B 37 -11.50 -11.88 -8.12
C ILE B 37 -12.53 -12.79 -8.77
N LYS B 38 -12.06 -13.72 -9.61
CA LYS B 38 -12.97 -14.68 -10.24
C LYS B 38 -13.68 -15.54 -9.21
N ARG B 39 -12.92 -16.13 -8.29
CA ARG B 39 -13.51 -17.05 -7.31
C ARG B 39 -14.33 -16.34 -6.24
N LEU B 40 -14.37 -15.01 -6.22
CA LEU B 40 -15.14 -14.25 -5.24
C LEU B 40 -16.22 -13.40 -5.89
N ASN B 41 -16.66 -13.77 -7.10
CA ASN B 41 -17.70 -12.99 -7.77
C ASN B 41 -19.06 -13.21 -7.14
N GLU B 42 -19.31 -14.40 -6.58
CA GLU B 42 -20.59 -14.72 -5.95
C GLU B 42 -20.38 -15.00 -4.47
N GLY B 43 -21.37 -14.64 -3.68
CA GLY B 43 -21.30 -14.84 -2.25
C GLY B 43 -22.13 -13.78 -1.53
N THR B 44 -21.80 -13.57 -0.26
CA THR B 44 -22.49 -12.58 0.55
C THR B 44 -22.17 -11.17 0.04
N GLU B 45 -23.23 -10.38 -0.18
CA GLU B 45 -23.07 -9.09 -0.82
C GLU B 45 -22.32 -8.09 0.07
N GLU B 46 -22.49 -8.18 1.39
CA GLU B 46 -21.85 -7.21 2.27
C GLU B 46 -20.34 -7.39 2.32
N GLU B 47 -19.83 -8.59 2.02
CA GLU B 47 -18.40 -8.85 2.04
C GLU B 47 -17.77 -8.81 0.65
N VAL B 48 -18.55 -9.10 -0.40
CA VAL B 48 -18.02 -9.08 -1.76
C VAL B 48 -17.52 -7.68 -2.11
N LYS B 49 -18.25 -6.65 -1.69
CA LYS B 49 -17.86 -5.28 -2.02
C LYS B 49 -16.60 -4.86 -1.27
N ARG B 50 -16.48 -5.27 0.00
CA ARG B 50 -15.26 -4.98 0.74
C ARG B 50 -14.07 -5.73 0.15
N LEU B 51 -14.27 -6.96 -0.30
CA LEU B 51 -13.20 -7.70 -0.97
C LEU B 51 -12.85 -7.06 -2.31
N LEU B 52 -13.83 -6.46 -3.00
CA LEU B 52 -13.52 -5.73 -4.23
C LEU B 52 -12.70 -4.48 -3.95
N GLU B 53 -13.00 -3.79 -2.85
CA GLU B 53 -12.16 -2.65 -2.45
C GLU B 53 -10.75 -3.12 -2.13
N ALA B 54 -10.62 -4.25 -1.45
CA ALA B 54 -9.30 -4.81 -1.17
C ALA B 54 -8.58 -5.16 -2.46
N ALA B 55 -9.31 -5.69 -3.45
CA ALA B 55 -8.69 -6.01 -4.73
C ALA B 55 -8.25 -4.75 -5.48
N GLU B 56 -9.02 -3.67 -5.34
CA GLU B 56 -8.59 -2.38 -5.91
C GLU B 56 -7.28 -1.93 -5.26
N VAL B 57 -7.20 -2.04 -3.93
CA VAL B 57 -5.96 -1.69 -3.25
C VAL B 57 -4.81 -2.55 -3.73
N ALA B 58 -5.05 -3.86 -3.92
CA ALA B 58 -4.00 -4.76 -4.38
C ALA B 58 -3.56 -4.42 -5.80
N ALA B 59 -4.50 -4.03 -6.67
CA ALA B 59 -4.14 -3.63 -8.02
C ALA B 59 -3.30 -2.36 -8.01
N HIS B 60 -3.65 -1.40 -7.16
CA HIS B 60 -2.83 -0.20 -7.02
C HIS B 60 -1.44 -0.54 -6.50
N VAL B 61 -1.35 -1.51 -5.58
CA VAL B 61 -0.06 -1.94 -5.06
C VAL B 61 0.77 -2.55 -6.17
N LEU B 62 0.14 -3.35 -7.04
CA LEU B 62 0.85 -3.93 -8.17
C LEU B 62 1.35 -2.85 -9.13
N GLN B 63 0.52 -1.83 -9.38
CA GLN B 63 0.96 -0.69 -10.19
C GLN B 63 2.18 -0.01 -9.57
N ILE B 64 2.16 0.18 -8.26
CA ILE B 64 3.26 0.85 -7.57
C ILE B 64 4.53 0.01 -7.70
N ALA B 65 4.42 -1.30 -7.48
CA ALA B 65 5.57 -2.18 -7.65
C ALA B 65 6.11 -2.13 -9.07
N PHE B 66 5.22 -2.10 -10.06
CA PHE B 66 5.65 -2.07 -11.45
C PHE B 66 6.42 -0.79 -11.76
N ILE B 67 5.87 0.36 -11.37
CA ILE B 67 6.54 1.61 -11.69
C ILE B 67 7.83 1.76 -10.89
N ALA B 68 7.87 1.21 -9.67
CA ALA B 68 9.10 1.25 -8.89
C ALA B 68 10.20 0.40 -9.52
N HIS B 69 9.83 -0.78 -10.03
CA HIS B 69 10.82 -1.62 -10.68
C HIS B 69 11.27 -1.01 -12.01
N GLU B 70 10.35 -0.40 -12.75
CA GLU B 70 10.71 0.19 -14.03
C GLU B 70 11.59 1.42 -13.86
N GLN B 71 11.32 2.24 -12.85
CA GLN B 71 11.99 3.52 -12.67
C GLN B 71 13.08 3.48 -11.60
N GLY B 72 13.77 2.35 -11.46
CA GLY B 72 14.91 2.33 -10.56
C GLY B 72 14.79 1.50 -9.30
N ASN B 73 14.67 2.18 -8.16
CA ASN B 73 14.85 1.57 -6.86
C ASN B 73 14.00 0.32 -6.66
N GLU B 74 14.63 -0.74 -6.17
CA GLU B 74 13.96 -2.01 -5.94
C GLU B 74 13.43 -2.17 -4.52
N GLU B 75 13.76 -1.25 -3.61
CA GLU B 75 13.24 -1.34 -2.25
C GLU B 75 11.71 -1.22 -2.25
N VAL B 76 11.19 -0.16 -2.85
CA VAL B 76 9.75 0.03 -2.95
C VAL B 76 9.12 -1.12 -3.72
N ALA B 77 9.80 -1.61 -4.77
CA ALA B 77 9.25 -2.68 -5.58
C ALA B 77 9.07 -3.96 -4.77
N LYS B 78 10.11 -4.36 -4.03
CA LYS B 78 10.02 -5.57 -3.23
C LYS B 78 9.03 -5.41 -2.08
N LEU B 79 9.02 -4.24 -1.45
CA LEU B 79 8.05 -4.03 -0.37
C LEU B 79 6.61 -4.08 -0.89
N ALA B 80 6.38 -3.54 -2.09
CA ALA B 80 5.04 -3.59 -2.67
C ALA B 80 4.65 -4.99 -3.09
N LEU B 81 5.63 -5.76 -3.61
CA LEU B 81 5.36 -7.17 -3.89
C LEU B 81 4.94 -7.91 -2.63
N GLU B 82 5.67 -7.69 -1.53
CA GLU B 82 5.32 -8.34 -0.28
C GLU B 82 3.96 -7.87 0.23
N LEU B 83 3.63 -6.60 0.03
CA LEU B 83 2.34 -6.09 0.47
C LEU B 83 1.20 -6.71 -0.33
N ALA B 84 1.39 -6.86 -1.65
CA ALA B 84 0.38 -7.50 -2.48
C ALA B 84 0.20 -8.96 -2.09
N GLU B 85 1.31 -9.65 -1.79
CA GLU B 85 1.22 -11.02 -1.32
C GLU B 85 0.47 -11.11 0.00
N SER B 86 0.72 -10.16 0.91
CA SER B 86 0.02 -10.15 2.19
C SER B 86 -1.48 -9.91 2.00
N ILE B 87 -1.84 -8.99 1.10
CA ILE B 87 -3.25 -8.71 0.85
C ILE B 87 -3.93 -9.96 0.28
N LEU B 88 -3.29 -10.59 -0.71
CA LEU B 88 -3.86 -11.81 -1.28
C LEU B 88 -3.96 -12.93 -0.26
N ARG B 89 -3.00 -13.00 0.67
CA ARG B 89 -3.02 -14.03 1.70
C ARG B 89 -4.15 -13.80 2.69
N LEU B 90 -4.38 -12.53 3.08
CA LEU B 90 -5.41 -12.26 4.07
C LEU B 90 -6.81 -12.24 3.47
N ILE B 91 -6.96 -11.99 2.17
CA ILE B 91 -8.27 -12.02 1.53
C ILE B 91 -8.98 -13.35 1.73
N GLU B 92 -8.23 -14.42 2.03
CA GLU B 92 -8.76 -15.78 2.06
C GLU B 92 -9.78 -16.03 3.18
N GLY B 93 -10.15 -15.04 3.99
CA GLY B 93 -11.34 -15.19 4.81
C GLY B 93 -11.21 -15.19 6.32
N THR B 94 -10.29 -14.42 6.89
CA THR B 94 -10.26 -14.21 8.34
C THR B 94 -10.82 -12.82 8.63
N GLU B 95 -12.15 -12.74 8.65
CA GLU B 95 -12.84 -11.45 8.53
C GLU B 95 -12.56 -10.54 9.72
N GLU B 96 -12.67 -11.07 10.95
CA GLU B 96 -12.60 -10.23 12.13
C GLU B 96 -11.26 -9.51 12.22
N GLU B 97 -10.19 -10.09 11.67
CA GLU B 97 -8.90 -9.43 11.60
C GLU B 97 -8.65 -8.75 10.26
N VAL B 98 -9.29 -9.22 9.18
CA VAL B 98 -9.05 -8.64 7.87
C VAL B 98 -9.68 -7.26 7.75
N LYS B 99 -10.87 -7.08 8.34
CA LYS B 99 -11.50 -5.76 8.29
C LYS B 99 -10.64 -4.70 8.96
N ARG B 100 -9.76 -5.09 9.88
CA ARG B 100 -8.83 -4.17 10.51
C ARG B 100 -7.50 -4.08 9.77
N LEU B 101 -7.03 -5.21 9.23
CA LEU B 101 -5.74 -5.23 8.54
C LEU B 101 -5.81 -4.58 7.16
N LEU B 102 -6.98 -4.49 6.54
CA LEU B 102 -7.07 -3.93 5.21
C LEU B 102 -6.84 -2.42 5.21
N GLU B 103 -7.32 -1.72 6.24
CA GLU B 103 -7.03 -0.30 6.36
C GLU B 103 -5.54 -0.07 6.52
N ALA B 104 -4.88 -0.88 7.35
CA ALA B 104 -3.44 -0.76 7.53
C ALA B 104 -2.70 -1.07 6.23
N ALA B 105 -3.20 -2.03 5.46
CA ALA B 105 -2.57 -2.36 4.18
C ALA B 105 -2.70 -1.22 3.18
N GLU B 106 -3.87 -0.59 3.13
CA GLU B 106 -4.04 0.57 2.24
C GLU B 106 -3.16 1.73 2.67
N VAL B 107 -3.03 1.95 3.98
CA VAL B 107 -2.13 2.98 4.48
C VAL B 107 -0.69 2.64 4.11
N ALA B 108 -0.32 1.36 4.16
CA ALA B 108 1.02 0.96 3.77
C ALA B 108 1.26 1.19 2.28
N ALA B 109 0.24 0.95 1.45
CA ALA B 109 0.36 1.25 0.03
C ALA B 109 0.56 2.75 -0.20
N HIS B 110 -0.21 3.58 0.50
CA HIS B 110 -0.03 5.03 0.40
C HIS B 110 1.37 5.44 0.83
N VAL B 111 1.89 4.82 1.90
CA VAL B 111 3.23 5.16 2.38
C VAL B 111 4.29 4.70 1.38
N LEU B 112 4.07 3.57 0.72
CA LEU B 112 4.98 3.13 -0.33
C LEU B 112 5.01 4.11 -1.49
N GLN B 113 3.83 4.58 -1.92
CA GLN B 113 3.79 5.59 -2.98
C GLN B 113 4.49 6.88 -2.53
N ILE B 114 4.29 7.25 -1.26
CA ILE B 114 4.99 8.40 -0.69
C ILE B 114 6.50 8.23 -0.82
N ALA B 115 6.99 7.05 -0.43
CA ALA B 115 8.43 6.80 -0.47
C ALA B 115 8.96 6.86 -1.89
N PHE B 116 8.23 6.27 -2.84
CA PHE B 116 8.67 6.29 -4.23
C PHE B 116 8.73 7.72 -4.76
N ILE B 117 7.68 8.51 -4.52
CA ILE B 117 7.64 9.88 -5.01
C ILE B 117 8.75 10.70 -4.37
N ALA B 118 8.97 10.54 -3.07
CA ALA B 118 10.00 11.31 -2.38
C ALA B 118 11.40 10.93 -2.86
N HIS B 119 11.63 9.65 -3.12
CA HIS B 119 12.93 9.24 -3.64
C HIS B 119 13.15 9.77 -5.05
N GLU B 120 12.10 9.80 -5.86
CA GLU B 120 12.22 10.36 -7.20
C GLU B 120 12.45 11.87 -7.18
N GLN B 121 12.26 12.52 -6.03
CA GLN B 121 12.41 13.97 -5.91
C GLN B 121 13.57 14.38 -5.01
N GLY B 122 14.45 13.44 -4.64
CA GLY B 122 15.61 13.75 -3.84
C GLY B 122 15.35 13.95 -2.36
N ASN B 123 14.09 13.99 -1.93
CA ASN B 123 13.76 14.12 -0.51
C ASN B 123 13.92 12.77 0.18
N GLU B 124 15.18 12.37 0.33
CA GLU B 124 15.50 11.01 0.76
C GLU B 124 15.24 10.77 2.25
N GLU B 125 15.16 11.82 3.07
CA GLU B 125 14.84 11.60 4.47
C GLU B 125 13.39 11.15 4.64
N VAL B 126 12.46 11.80 3.93
CA VAL B 126 11.07 11.36 3.92
C VAL B 126 10.96 9.96 3.36
N ALA B 127 11.76 9.65 2.33
CA ALA B 127 11.74 8.31 1.74
C ALA B 127 12.24 7.26 2.72
N LYS B 128 13.29 7.57 3.47
CA LYS B 128 13.79 6.64 4.48
C LYS B 128 12.76 6.40 5.57
N LEU B 129 12.15 7.47 6.07
CA LEU B 129 11.13 7.31 7.11
C LEU B 129 9.94 6.52 6.59
N ALA B 130 9.56 6.76 5.33
CA ALA B 130 8.42 6.04 4.76
C ALA B 130 8.74 4.57 4.55
N LEU B 131 9.96 4.24 4.12
CA LEU B 131 10.33 2.84 3.98
C LEU B 131 10.36 2.15 5.35
N GLU B 132 10.91 2.82 6.37
CA GLU B 132 10.93 2.25 7.70
C GLU B 132 9.51 1.99 8.20
N LEU B 133 8.62 2.97 8.00
CA LEU B 133 7.24 2.81 8.45
C LEU B 133 6.51 1.71 7.69
N ALA B 134 6.78 1.60 6.38
CA ALA B 134 6.16 0.54 5.59
C ALA B 134 6.63 -0.83 6.05
N GLU B 135 7.92 -0.96 6.35
CA GLU B 135 8.42 -2.21 6.93
C GLU B 135 7.73 -2.52 8.25
N SER B 136 7.57 -1.50 9.09
CA SER B 136 6.89 -1.69 10.37
C SER B 136 5.46 -2.19 10.16
N ILE B 137 4.72 -1.55 9.26
CA ILE B 137 3.33 -1.94 9.03
C ILE B 137 3.25 -3.34 8.43
N LEU B 138 4.17 -3.67 7.53
CA LEU B 138 4.19 -5.00 6.93
C LEU B 138 4.45 -6.07 7.99
N ARG B 139 5.44 -5.84 8.86
CA ARG B 139 5.74 -6.82 9.91
C ARG B 139 4.61 -6.91 10.92
N LEU B 140 3.86 -5.82 11.13
CA LEU B 140 2.71 -5.87 12.02
C LEU B 140 1.58 -6.69 11.41
N ILE B 141 1.30 -6.46 10.12
CA ILE B 141 0.21 -7.19 9.47
C ILE B 141 0.55 -8.67 9.37
N GLU B 142 1.78 -9.00 8.97
CA GLU B 142 2.18 -10.40 8.89
C GLU B 142 2.41 -11.02 10.26
N GLY B 143 2.63 -10.20 11.29
CA GLY B 143 2.91 -10.75 12.60
C GLY B 143 1.68 -11.35 13.26
N THR B 144 1.95 -12.17 14.27
CA THR B 144 0.91 -12.85 15.04
C THR B 144 0.84 -12.31 16.46
N GLU B 145 1.04 -11.00 16.62
CA GLU B 145 1.01 -10.40 17.95
C GLU B 145 -0.39 -10.48 18.56
N GLU B 146 -1.42 -10.19 17.76
CA GLU B 146 -2.82 -10.13 18.17
C GLU B 146 -3.06 -8.97 19.13
N GLU B 147 -1.98 -8.27 19.48
CA GLU B 147 -2.05 -6.91 20.01
C GLU B 147 -1.84 -5.87 18.91
N VAL B 148 -2.04 -6.27 17.66
CA VAL B 148 -1.64 -5.47 16.52
C VAL B 148 -2.53 -4.25 16.31
N LYS B 149 -3.72 -4.22 16.92
CA LYS B 149 -4.64 -3.12 16.65
C LYS B 149 -4.08 -1.79 17.14
N GLU B 150 -3.58 -1.75 18.37
CA GLU B 150 -3.05 -0.51 18.91
C GLU B 150 -1.80 -0.07 18.16
N LEU B 151 -0.91 -1.01 17.86
CA LEU B 151 0.31 -0.68 17.11
C LEU B 151 -0.02 -0.19 15.72
N LEU B 152 -1.07 -0.75 15.10
CA LEU B 152 -1.47 -0.30 13.77
C LEU B 152 -2.09 1.09 13.82
N GLU B 153 -2.87 1.38 14.87
CA GLU B 153 -3.37 2.75 15.03
C GLU B 153 -2.23 3.74 15.19
N ARG B 154 -1.23 3.39 16.01
CA ARG B 154 -0.05 4.23 16.17
C ARG B 154 0.66 4.44 14.84
N ALA B 155 0.82 3.36 14.07
CA ALA B 155 1.51 3.44 12.78
C ALA B 155 0.72 4.29 11.78
N GLU B 156 -0.61 4.22 11.83
CA GLU B 156 -1.41 5.03 10.92
C GLU B 156 -1.32 6.51 11.28
N GLU B 157 -1.31 6.82 12.59
CA GLU B 157 -1.10 8.21 13.00
C GLU B 157 0.27 8.71 12.54
N ALA B 158 1.31 7.88 12.70
CA ALA B 158 2.63 8.25 12.21
C ALA B 158 2.62 8.43 10.69
N ALA B 159 1.84 7.61 9.98
CA ALA B 159 1.77 7.73 8.53
C ALA B 159 1.10 9.02 8.11
N HIS B 160 0.07 9.44 8.83
CA HIS B 160 -0.57 10.71 8.52
C HIS B 160 0.34 11.90 8.83
N VAL B 161 1.14 11.80 9.91
CA VAL B 161 2.13 12.84 10.17
C VAL B 161 3.18 12.88 9.08
N LEU B 162 3.59 11.70 8.59
CA LEU B 162 4.52 11.63 7.47
C LEU B 162 3.92 12.24 6.22
N GLN B 163 2.62 12.02 5.99
CA GLN B 163 1.94 12.65 4.86
C GLN B 163 1.93 14.17 4.99
N HIS B 164 1.74 14.67 6.22
CA HIS B 164 1.83 16.11 6.46
C HIS B 164 3.22 16.63 6.11
N ALA B 165 4.26 15.91 6.54
CA ALA B 165 5.63 16.31 6.20
C ALA B 165 5.86 16.27 4.69
N PHE B 166 5.30 15.27 4.01
CA PHE B 166 5.45 15.17 2.57
C PHE B 166 4.79 16.34 1.86
N ILE B 167 3.59 16.72 2.29
CA ILE B 167 2.91 17.86 1.69
C ILE B 167 3.69 19.14 1.96
N ALA B 168 4.27 19.26 3.16
CA ALA B 168 5.10 20.42 3.46
C ALA B 168 6.31 20.49 2.54
N THR B 169 6.95 19.35 2.28
CA THR B 169 8.09 19.33 1.36
C THR B 169 7.67 19.66 -0.07
N GLU B 170 6.51 19.15 -0.50
CA GLU B 170 6.04 19.44 -1.85
C GLU B 170 5.71 20.92 -2.02
N GLN B 171 5.15 21.55 -0.98
CA GLN B 171 4.83 22.96 -1.07
C GLN B 171 6.08 23.84 -0.97
N GLY B 172 7.13 23.34 -0.34
CA GLY B 172 8.36 24.10 -0.17
C GLY B 172 8.59 24.65 1.22
N ASN B 173 7.87 24.18 2.22
CA ASN B 173 7.99 24.68 3.60
C ASN B 173 8.77 23.65 4.40
N GLU B 174 10.09 23.82 4.46
CA GLU B 174 10.96 22.87 5.14
C GLU B 174 10.89 23.01 6.66
N GLU B 175 10.60 24.21 7.16
CA GLU B 175 10.59 24.45 8.59
C GLU B 175 9.56 23.56 9.29
N ASP B 176 8.36 23.45 8.72
CA ASP B 176 7.35 22.56 9.28
C ASP B 176 7.59 21.10 8.88
N ALA B 177 8.22 20.88 7.72
CA ALA B 177 8.48 19.52 7.26
C ALA B 177 9.42 18.79 8.20
N LYS B 178 10.49 19.46 8.65
CA LYS B 178 11.43 18.82 9.56
C LYS B 178 10.77 18.50 10.90
N GLU B 179 9.93 19.41 11.41
CA GLU B 179 9.24 19.15 12.67
C GLU B 179 8.27 17.99 12.53
N ALA B 180 7.53 17.92 11.42
CA ALA B 180 6.62 16.80 11.21
C ALA B 180 7.39 15.49 11.07
N LEU B 181 8.56 15.53 10.44
CA LEU B 181 9.40 14.33 10.37
C LEU B 181 9.84 13.88 11.75
N ARG B 182 10.27 14.83 12.60
CA ARG B 182 10.65 14.49 13.97
C ARG B 182 9.47 13.89 14.73
N LYS B 183 8.29 14.47 14.59
CA LYS B 183 7.12 13.96 15.30
C LYS B 183 6.76 12.56 14.83
N ALA B 184 6.79 12.32 13.51
CA ALA B 184 6.49 10.99 13.00
C ALA B 184 7.53 9.97 13.47
N GLU B 185 8.80 10.36 13.49
CA GLU B 185 9.84 9.46 13.98
C GLU B 185 9.61 9.11 15.45
N GLU B 186 9.23 10.10 16.26
CA GLU B 186 8.95 9.82 17.66
C GLU B 186 7.76 8.88 17.81
N ILE B 187 6.69 9.14 17.07
CA ILE B 187 5.49 8.29 17.14
C ILE B 187 5.82 6.86 16.73
N LEU B 188 6.66 6.70 15.71
CA LEU B 188 7.02 5.36 15.25
C LEU B 188 7.93 4.66 16.26
N ARG B 189 8.90 5.39 16.82
CA ARG B 189 9.81 4.79 17.78
C ARG B 189 9.13 4.47 19.11
N ARG B 190 7.99 5.08 19.39
CA ARG B 190 7.27 4.73 20.62
C ARG B 190 6.64 3.34 20.56
N ASN B 191 6.86 2.57 19.49
CA ASN B 191 6.38 1.21 19.39
C ASN B 191 7.38 0.18 19.94
N ALA B 192 8.26 0.60 20.84
CA ALA B 192 9.25 -0.30 21.42
C ALA B 192 9.59 0.12 22.85
#